data_8HN1
#
_entry.id   8HN1
#
_cell.length_a   1.00
_cell.length_b   1.00
_cell.length_c   1.00
_cell.angle_alpha   90.00
_cell.angle_beta   90.00
_cell.angle_gamma   90.00
#
_symmetry.space_group_name_H-M   'P 1'
#
loop_
_entity.id
_entity.type
_entity.pdbx_description
1 polymer 'Toxin AdTx1'
2 polymer 'Alpha-1A adrenergic receptor'
3 polymer Nb6
#
loop_
_entity_poly.entity_id
_entity_poly.type
_entity_poly.pdbx_seq_one_letter_code
_entity_poly.pdbx_strand_id
1 'polypeptide(L)' GPGSGSLTCVTSKSIFGITTEDCPDGQNLCFKRRHYVVPKIYDSTRGCAATCPIPENYDSIHCCKTDKCNE C
2 'polypeptide(L)'
;DYKDDDDAMVFLSGQASDSSQCTQPPAPVQISKAILLGVILGGLILFGVLGNILVILSVACHRHLHSVTHYYIVNLAVAD
LLLTSTVLPFSAIFEVLGYWAFGRVFCNIWAAVDVLCCTARIWGLCIISIDRYIGVSYPLRYPTIVTQRRGLMALLCVWA
LSLVISIGPLFGWRQPAPEDETICQINEEPGYVLFSALGSFYLPLAIILVMYCRVYVVAKRVRLLSGSREKDRNLRKAAK
TLGIVVGCFVLCWLPFFLVMPIGSFFPDFKPSETVFKIVFWLGYLNSCINPIIYPCSSQEFKKAFQNVLRIQCLCRKQSS
KHALGYTLHPPSQAVEGQHHHHHHHH
;
A
3 'polypeptide(L)'
;MAQVQLQESGGGLVQAGESLRLSCAASGTIFRLYDMGWYRRVSGNQRELVASITSGGSTKYGDSVKGRFTISRDNAKNTV
YLQMSSLKPEDTAVYYCNAEYRTGIWEELLDGWGQGTQVTVSSHHHHHHEPEA
;
D
#
# COMPACT_ATOMS: atom_id res chain seq x y z
N LEU A 7 -18.07 22.90 41.94
CA LEU A 7 -17.39 22.14 42.99
C LEU A 7 -16.81 20.84 42.43
N THR A 8 -17.37 20.38 41.32
CA THR A 8 -16.92 19.17 40.64
C THR A 8 -16.31 19.55 39.31
N CYS A 9 -15.11 19.06 39.05
CA CYS A 9 -14.38 19.38 37.82
C CYS A 9 -14.08 18.09 37.06
N VAL A 10 -14.14 18.18 35.73
CA VAL A 10 -13.82 17.02 34.90
C VAL A 10 -12.36 16.63 35.11
N THR A 11 -12.08 15.33 34.98
CA THR A 11 -10.73 14.82 35.12
C THR A 11 -10.27 13.93 33.97
N SER A 12 -11.16 13.55 33.06
CA SER A 12 -10.76 12.77 31.89
C SER A 12 -11.95 12.65 30.95
N LYS A 13 -11.66 12.61 29.66
CA LYS A 13 -12.68 12.49 28.63
C LYS A 13 -12.29 11.35 27.69
N SER A 14 -13.23 10.44 27.45
CA SER A 14 -13.00 9.31 26.55
C SER A 14 -14.34 8.91 25.96
N ILE A 15 -14.32 7.91 25.08
CA ILE A 15 -15.55 7.41 24.49
C ILE A 15 -16.49 6.84 25.54
N PHE A 16 -15.96 6.35 26.65
CA PHE A 16 -16.79 5.73 27.68
C PHE A 16 -17.51 6.76 28.55
N GLY A 17 -17.13 8.03 28.50
CA GLY A 17 -17.80 9.06 29.26
C GLY A 17 -16.86 10.05 29.91
N ILE A 18 -17.27 10.60 31.06
CA ILE A 18 -16.50 11.60 31.78
C ILE A 18 -16.33 11.12 33.21
N THR A 19 -15.10 11.16 33.72
CA THR A 19 -14.81 10.75 35.08
C THR A 19 -14.80 11.97 36.01
N THR A 20 -15.98 12.54 36.16
CA THR A 20 -16.14 13.72 37.01
C THR A 20 -16.01 13.35 38.48
N GLU A 21 -15.21 14.11 39.21
CA GLU A 21 -15.01 13.92 40.64
C GLU A 21 -15.28 15.23 41.38
N ASP A 22 -15.23 15.17 42.69
CA ASP A 22 -15.56 16.31 43.55
C ASP A 22 -14.29 16.84 44.19
N CYS A 23 -14.01 18.13 43.99
CA CYS A 23 -12.83 18.73 44.55
C CYS A 23 -12.95 18.83 46.08
N PRO A 24 -11.84 18.70 46.81
CA PRO A 24 -11.92 18.90 48.26
C PRO A 24 -12.10 20.37 48.63
N ASP A 25 -12.09 20.66 49.93
CA ASP A 25 -12.22 22.04 50.37
CA ASP A 25 -12.22 22.04 50.37
C ASP A 25 -10.94 22.82 50.06
N GLY A 26 -11.04 24.14 50.13
CA GLY A 26 -9.92 25.00 49.80
C GLY A 26 -9.87 25.28 48.32
N GLN A 27 -9.83 24.23 47.50
CA GLN A 27 -9.94 24.38 46.06
C GLN A 27 -11.27 25.04 45.72
N ASN A 28 -11.23 26.02 44.82
CA ASN A 28 -12.41 26.75 44.42
C ASN A 28 -12.59 26.87 42.91
N LEU A 29 -11.57 26.56 42.11
CA LEU A 29 -11.63 26.73 40.67
C LEU A 29 -11.04 25.50 39.99
N CYS A 30 -11.59 25.17 38.83
CA CYS A 30 -11.07 24.10 37.99
C CYS A 30 -10.05 24.67 37.01
N PHE A 31 -9.44 23.78 36.23
CA PHE A 31 -8.49 24.20 35.21
C PHE A 31 -8.37 23.08 34.18
N LYS A 32 -7.69 23.40 33.09
CA LYS A 32 -7.44 22.42 32.04
C LYS A 32 -6.13 22.81 31.35
N ARG A 33 -5.04 22.16 31.74
CA ARG A 33 -3.79 22.34 31.02
C ARG A 33 -3.89 21.67 29.65
N ARG A 34 -2.97 22.04 28.76
CA ARG A 34 -2.99 21.52 27.40
C ARG A 34 -1.57 21.58 26.87
N HIS A 35 -0.94 20.41 26.75
CA HIS A 35 0.46 20.31 26.38
C HIS A 35 0.62 19.79 24.96
N TYR A 36 1.44 20.48 24.19
CA TYR A 36 1.78 20.07 22.83
C TYR A 36 2.54 18.76 22.82
N VAL A 37 2.18 17.88 21.87
CA VAL A 37 2.85 16.61 21.68
C VAL A 37 3.29 16.50 20.22
N VAL A 38 2.33 16.48 19.31
CA VAL A 38 2.59 16.49 17.87
C VAL A 38 1.62 17.48 17.24
N PRO A 39 1.89 17.93 16.01
CA PRO A 39 1.21 19.11 15.48
C PRO A 39 -0.27 19.27 15.83
N LYS A 40 -1.13 18.34 15.44
CA LYS A 40 -2.56 18.52 15.64
C LYS A 40 -3.09 17.86 16.91
N ILE A 41 -2.22 17.25 17.71
CA ILE A 41 -2.62 16.48 18.89
C ILE A 41 -2.01 17.12 20.13
N TYR A 42 -2.84 17.33 21.14
CA TYR A 42 -2.42 17.92 22.40
C TYR A 42 -2.70 16.95 23.55
N ASP A 43 -2.06 17.19 24.68
CA ASP A 43 -2.15 16.33 25.85
C ASP A 43 -2.80 17.14 26.99
N SER A 44 -4.09 16.92 27.20
CA SER A 44 -4.82 17.65 28.22
C SER A 44 -4.67 16.97 29.57
N THR A 45 -4.63 17.78 30.63
CA THR A 45 -4.54 17.27 32.00
C THR A 45 -5.40 18.17 32.89
N ARG A 46 -6.60 17.69 33.22
CA ARG A 46 -7.53 18.45 34.04
C ARG A 46 -7.27 18.19 35.52
N GLY A 47 -7.95 18.94 36.38
CA GLY A 47 -7.83 18.73 37.80
C GLY A 47 -8.32 19.93 38.58
N CYS A 48 -8.33 19.76 39.90
CA CYS A 48 -8.70 20.83 40.82
C CYS A 48 -7.49 21.73 41.09
N ALA A 49 -7.76 22.87 41.73
CA ALA A 49 -6.70 23.79 42.10
C ALA A 49 -7.28 24.88 43.00
N ALA A 50 -6.49 25.29 44.00
CA ALA A 50 -6.84 26.43 44.82
C ALA A 50 -6.39 27.75 44.19
N THR A 51 -5.25 27.74 43.50
CA THR A 51 -4.78 28.87 42.73
C THR A 51 -4.43 28.38 41.33
N CYS A 52 -4.66 29.23 40.34
CA CYS A 52 -4.53 28.80 38.95
C CYS A 52 -3.05 28.56 38.62
N PRO A 53 -2.69 27.36 38.15
CA PRO A 53 -1.28 27.08 37.88
C PRO A 53 -0.69 27.97 36.80
N ILE A 54 0.60 28.25 36.93
CA ILE A 54 1.34 29.05 35.97
C ILE A 54 1.80 28.15 34.83
N PRO A 55 1.51 28.50 33.57
CA PRO A 55 1.97 27.66 32.46
C PRO A 55 3.48 27.69 32.32
N GLU A 56 4.04 26.58 31.85
CA GLU A 56 5.46 26.47 31.58
C GLU A 56 5.68 25.80 30.24
N ASN A 57 6.57 26.38 29.43
CA ASN A 57 6.91 25.84 28.11
C ASN A 57 5.68 25.78 27.20
N TYR A 58 5.04 26.94 27.05
CA TYR A 58 3.97 27.15 26.08
C TYR A 58 2.73 26.32 26.36
N ASP A 59 2.52 25.91 27.61
CA ASP A 59 1.26 25.27 27.97
C ASP A 59 0.14 26.30 28.04
N SER A 60 -1.09 25.83 27.88
CA SER A 60 -2.27 26.68 27.84
C SER A 60 -3.24 26.24 28.94
N ILE A 61 -3.12 26.86 30.11
CA ILE A 61 -4.03 26.58 31.21
C ILE A 61 -5.20 27.55 31.14
N HIS A 62 -6.41 27.01 31.14
CA HIS A 62 -7.64 27.81 31.13
C HIS A 62 -8.39 27.51 32.42
N CYS A 63 -8.28 28.41 33.39
CA CYS A 63 -8.92 28.24 34.68
C CYS A 63 -10.33 28.82 34.64
N CYS A 64 -11.22 28.21 35.42
CA CYS A 64 -12.63 28.57 35.39
C CYS A 64 -13.24 28.22 36.74
N LYS A 65 -14.46 28.72 36.97
CA LYS A 65 -15.09 28.66 38.28
C LYS A 65 -16.31 27.76 38.34
N THR A 66 -17.13 27.71 37.29
CA THR A 66 -18.42 27.03 37.35
C THR A 66 -18.22 25.51 37.37
N ASP A 67 -19.29 24.81 37.72
CA ASP A 67 -19.25 23.36 37.91
C ASP A 67 -19.02 22.68 36.57
N LYS A 68 -18.09 21.72 36.54
CA LYS A 68 -17.71 21.02 35.30
C LYS A 68 -17.41 22.01 34.19
N CYS A 69 -16.67 23.07 34.54
CA CYS A 69 -16.33 24.10 33.56
C CYS A 69 -15.12 23.72 32.71
N ASN A 70 -14.18 22.97 33.29
CA ASN A 70 -12.96 22.57 32.58
C ASN A 70 -13.29 21.40 31.67
N GLU A 71 -13.90 21.71 30.54
CA GLU A 71 -14.35 20.69 29.61
C GLU A 71 -13.40 20.56 28.43
N SER B 32 21.48 23.15 20.34
CA SER B 32 20.57 23.75 19.37
C SER B 32 19.87 22.67 18.55
N LYS B 33 19.03 21.88 19.21
CA LYS B 33 18.33 20.79 18.54
C LYS B 33 17.31 21.30 17.52
N ALA B 34 16.90 22.55 17.62
CA ALA B 34 15.85 23.05 16.74
C ALA B 34 16.35 23.23 15.31
N ILE B 35 17.54 23.83 15.15
CA ILE B 35 17.99 24.24 13.82
C ILE B 35 18.27 23.02 12.94
N LEU B 36 19.02 22.04 13.46
CA LEU B 36 19.35 20.89 12.63
C LEU B 36 18.14 19.99 12.41
N LEU B 37 17.24 19.88 13.38
CA LEU B 37 16.00 19.15 13.15
C LEU B 37 15.19 19.81 12.04
N GLY B 38 15.08 21.14 12.08
CA GLY B 38 14.39 21.83 11.01
C GLY B 38 15.05 21.64 9.67
N VAL B 39 16.38 21.63 9.64
CA VAL B 39 17.09 21.44 8.37
C VAL B 39 16.86 20.03 7.83
N ILE B 40 16.90 19.02 8.70
CA ILE B 40 16.63 17.65 8.27
C ILE B 40 15.23 17.55 7.70
N LEU B 41 14.24 18.07 8.44
CA LEU B 41 12.87 18.02 7.96
C LEU B 41 12.72 18.74 6.64
N GLY B 42 13.30 19.95 6.53
CA GLY B 42 13.16 20.70 5.31
C GLY B 42 13.80 20.01 4.12
N GLY B 43 14.94 19.37 4.34
CA GLY B 43 15.53 18.56 3.29
C GLY B 43 14.59 17.47 2.82
N LEU B 44 13.97 16.77 3.78
CA LEU B 44 13.02 15.72 3.41
C LEU B 44 11.83 16.29 2.63
N ILE B 45 11.28 17.43 3.07
CA ILE B 45 10.11 17.98 2.40
C ILE B 45 10.47 18.44 0.99
N LEU B 46 11.62 19.10 0.81
CA LEU B 46 12.02 19.50 -0.52
C LEU B 46 12.26 18.28 -1.41
N PHE B 47 12.85 17.23 -0.84
CA PHE B 47 13.05 16.01 -1.62
C PHE B 47 11.71 15.42 -2.07
N GLY B 48 10.72 15.39 -1.18
CA GLY B 48 9.41 14.91 -1.55
C GLY B 48 8.74 15.79 -2.59
N VAL B 49 8.90 17.11 -2.47
CA VAL B 49 8.31 18.03 -3.44
C VAL B 49 8.88 17.78 -4.82
N LEU B 50 10.21 17.70 -4.92
CA LEU B 50 10.81 17.41 -6.22
C LEU B 50 10.41 16.03 -6.73
N GLY B 51 10.35 15.04 -5.85
CA GLY B 51 9.96 13.71 -6.29
C GLY B 51 8.56 13.68 -6.89
N ASN B 52 7.61 14.34 -6.23
CA ASN B 52 6.24 14.33 -6.73
C ASN B 52 6.09 15.17 -7.99
N ILE B 53 6.77 16.32 -8.07
CA ILE B 53 6.75 17.08 -9.31
C ILE B 53 7.32 16.25 -10.45
N LEU B 54 8.40 15.52 -10.18
CA LEU B 54 9.00 14.67 -11.21
C LEU B 54 8.05 13.55 -11.63
N VAL B 55 7.34 12.96 -10.68
CA VAL B 55 6.37 11.92 -11.01
C VAL B 55 5.26 12.49 -11.89
N ILE B 56 4.78 13.68 -11.56
CA ILE B 56 3.72 14.29 -12.37
C ILE B 56 4.23 14.59 -13.78
N LEU B 57 5.43 15.15 -13.89
CA LEU B 57 5.96 15.52 -15.19
C LEU B 57 6.27 14.29 -16.05
N SER B 58 6.73 13.21 -15.44
CA SER B 58 7.05 12.01 -16.20
C SER B 58 5.83 11.46 -16.93
N VAL B 59 4.65 11.58 -16.34
CA VAL B 59 3.44 11.14 -17.00
C VAL B 59 2.87 12.23 -17.91
N ALA B 60 2.98 13.49 -17.52
CA ALA B 60 2.42 14.57 -18.34
C ALA B 60 3.15 14.70 -19.68
N CYS B 61 4.47 14.53 -19.68
CA CYS B 61 5.29 14.80 -20.85
C CYS B 61 5.49 13.58 -21.74
N HIS B 62 4.84 12.46 -21.45
CA HIS B 62 5.01 11.23 -22.21
C HIS B 62 3.69 10.77 -22.79
N ARG B 63 3.66 10.57 -24.11
CA ARG B 63 2.45 10.18 -24.82
C ARG B 63 2.03 8.74 -24.50
N HIS B 64 3.00 7.82 -24.40
CA HIS B 64 2.66 6.42 -24.20
C HIS B 64 2.26 6.10 -22.77
N LEU B 65 2.58 6.97 -21.82
CA LEU B 65 2.24 6.75 -20.41
C LEU B 65 0.86 7.27 -20.06
N HIS B 66 0.11 7.80 -21.03
CA HIS B 66 -1.21 8.39 -20.76
C HIS B 66 -2.25 7.29 -20.80
N SER B 67 -2.53 6.73 -19.62
CA SER B 67 -3.53 5.69 -19.47
C SER B 67 -4.29 5.93 -18.18
N VAL B 68 -5.50 5.37 -18.09
CA VAL B 68 -6.35 5.61 -16.94
C VAL B 68 -5.69 5.12 -15.66
N THR B 69 -4.84 4.10 -15.75
CA THR B 69 -4.12 3.61 -14.59
C THR B 69 -2.92 4.46 -14.23
N HIS B 70 -2.45 5.32 -15.14
CA HIS B 70 -1.39 6.27 -14.83
C HIS B 70 -1.94 7.61 -14.35
N TYR B 71 -3.14 7.97 -14.78
CA TYR B 71 -3.79 9.17 -14.23
C TYR B 71 -4.05 9.01 -12.74
N TYR B 72 -4.29 7.79 -12.27
CA TYR B 72 -4.45 7.57 -10.83
C TYR B 72 -3.13 7.78 -10.09
N ILE B 73 -2.02 7.34 -10.69
CA ILE B 73 -0.71 7.62 -10.09
C ILE B 73 -0.47 9.12 -10.05
N VAL B 74 -0.85 9.83 -11.11
CA VAL B 74 -0.68 11.28 -11.13
C VAL B 74 -1.55 11.93 -10.06
N ASN B 75 -2.76 11.42 -9.84
CA ASN B 75 -3.61 11.95 -8.78
C ASN B 75 -2.99 11.73 -7.41
N LEU B 76 -2.44 10.54 -7.17
CA LEU B 76 -1.77 10.27 -5.92
C LEU B 76 -0.57 11.21 -5.73
N ALA B 77 0.19 11.43 -6.81
CA ALA B 77 1.31 12.35 -6.75
C ALA B 77 0.86 13.78 -6.49
N VAL B 78 -0.29 14.18 -7.04
CA VAL B 78 -0.81 15.53 -6.81
C VAL B 78 -1.20 15.71 -5.36
N ALA B 79 -1.87 14.72 -4.77
CA ALA B 79 -2.19 14.81 -3.35
C ALA B 79 -0.92 14.88 -2.51
N ASP B 80 0.07 14.04 -2.83
CA ASP B 80 1.33 14.07 -2.09
C ASP B 80 2.04 15.40 -2.27
N LEU B 81 2.01 15.98 -3.47
CA LEU B 81 2.64 17.27 -3.71
C LEU B 81 1.98 18.38 -2.91
N LEU B 82 0.64 18.41 -2.90
CA LEU B 82 -0.04 19.39 -2.07
C LEU B 82 0.35 19.23 -0.60
N LEU B 83 0.36 17.99 -0.12
CA LEU B 83 0.69 17.74 1.29
C LEU B 83 2.11 18.19 1.61
N THR B 84 3.05 17.90 0.73
CA THR B 84 4.46 18.19 0.99
C THR B 84 4.82 19.65 0.76
N SER B 85 4.06 20.39 -0.05
CA SER B 85 4.41 21.77 -0.36
C SER B 85 3.55 22.79 0.37
N THR B 86 2.41 22.39 0.95
CA THR B 86 1.53 23.36 1.59
C THR B 86 1.30 23.05 3.06
N VAL B 87 1.42 21.77 3.43
CA VAL B 87 1.07 21.32 4.77
C VAL B 87 2.30 21.02 5.61
N LEU B 88 3.26 20.29 5.06
CA LEU B 88 4.38 19.79 5.85
C LEU B 88 5.35 20.89 6.28
N PRO B 89 5.59 21.92 5.47
CA PRO B 89 6.43 23.02 5.96
C PRO B 89 5.92 23.64 7.24
N PHE B 90 4.61 23.88 7.32
CA PHE B 90 4.05 24.46 8.53
C PHE B 90 4.03 23.46 9.67
N SER B 91 3.84 22.17 9.37
CA SER B 91 3.95 21.16 10.42
C SER B 91 5.35 21.13 11.01
N ALA B 92 6.37 21.21 10.16
CA ALA B 92 7.75 21.23 10.65
C ALA B 92 8.04 22.48 11.47
N ILE B 93 7.59 23.64 10.99
CA ILE B 93 7.78 24.86 11.77
C ILE B 93 7.08 24.75 13.11
N PHE B 94 5.89 24.16 13.14
CA PHE B 94 5.10 24.06 14.35
C PHE B 94 5.71 23.07 15.33
N GLU B 95 6.33 22.02 14.81
CA GLU B 95 7.07 21.09 15.66
C GLU B 95 8.32 21.75 16.23
N VAL B 96 9.07 22.48 15.39
CA VAL B 96 10.30 23.11 15.86
C VAL B 96 10.00 24.16 16.93
N LEU B 97 9.01 25.01 16.68
CA LEU B 97 8.68 26.05 17.64
C LEU B 97 8.00 25.47 18.88
N GLY B 98 7.02 24.60 18.68
CA GLY B 98 6.22 24.08 19.76
C GLY B 98 4.91 24.81 19.98
N TYR B 99 4.54 25.74 19.11
CA TYR B 99 3.30 26.49 19.22
C TYR B 99 2.96 27.05 17.85
N TRP B 100 1.71 27.47 17.68
CA TRP B 100 1.23 28.00 16.41
C TRP B 100 1.48 29.50 16.37
N ALA B 101 2.23 29.95 15.36
CA ALA B 101 2.66 31.33 15.26
C ALA B 101 2.02 32.06 14.08
N PHE B 102 0.86 31.59 13.61
CA PHE B 102 0.22 32.19 12.44
C PHE B 102 -1.26 32.46 12.67
N GLY B 103 -1.70 32.55 13.94
CA GLY B 103 -3.05 32.96 14.23
C GLY B 103 -4.07 31.86 14.04
N ARG B 104 -5.32 32.15 14.43
CA ARG B 104 -6.37 31.13 14.36
C ARG B 104 -6.88 30.94 12.95
N VAL B 105 -6.85 31.97 12.11
CA VAL B 105 -7.43 31.86 10.77
C VAL B 105 -6.67 30.85 9.94
N PHE B 106 -5.34 30.89 9.96
CA PHE B 106 -4.54 29.94 9.20
C PHE B 106 -4.51 28.55 9.83
N CYS B 107 -4.73 28.44 11.14
CA CYS B 107 -4.81 27.13 11.77
C CYS B 107 -5.90 26.28 11.14
N ASN B 108 -7.10 26.85 11.00
CA ASN B 108 -8.22 26.10 10.44
C ASN B 108 -7.95 25.70 9.00
N ILE B 109 -7.42 26.62 8.21
CA ILE B 109 -7.13 26.32 6.80
C ILE B 109 -6.09 25.22 6.70
N TRP B 110 -5.03 25.30 7.49
CA TRP B 110 -3.97 24.31 7.44
C TRP B 110 -4.48 22.94 7.86
N ALA B 111 -5.25 22.87 8.94
CA ALA B 111 -5.80 21.59 9.37
C ALA B 111 -6.75 21.01 8.33
N ALA B 112 -7.61 21.84 7.74
CA ALA B 112 -8.55 21.35 6.75
C ALA B 112 -7.82 20.81 5.52
N VAL B 113 -6.82 21.54 5.04
CA VAL B 113 -6.06 21.08 3.87
C VAL B 113 -5.31 19.79 4.21
N ASP B 114 -4.73 19.71 5.40
CA ASP B 114 -4.03 18.51 5.82
C ASP B 114 -4.95 17.29 5.78
N VAL B 115 -6.12 17.42 6.42
CA VAL B 115 -7.05 16.29 6.48
C VAL B 115 -7.54 15.92 5.08
N LEU B 116 -7.88 16.94 4.27
CA LEU B 116 -8.35 16.67 2.92
C LEU B 116 -7.32 15.91 2.11
N CYS B 117 -6.07 16.38 2.12
CA CYS B 117 -5.04 15.71 1.34
C CYS B 117 -4.76 14.31 1.85
N CYS B 118 -4.73 14.11 3.16
CA CYS B 118 -4.50 12.77 3.70
C CYS B 118 -5.61 11.81 3.30
N THR B 119 -6.86 12.24 3.36
CA THR B 119 -7.96 11.35 2.96
C THR B 119 -7.94 11.08 1.46
N ALA B 120 -7.68 12.11 0.65
CA ALA B 120 -7.66 11.94 -0.79
C ALA B 120 -6.54 10.99 -1.22
N ARG B 121 -5.39 11.06 -0.56
CA ARG B 121 -4.28 10.17 -0.91
C ARG B 121 -4.67 8.70 -0.75
N ILE B 122 -5.22 8.36 0.42
CA ILE B 122 -5.54 6.96 0.67
C ILE B 122 -6.70 6.50 -0.20
N TRP B 123 -7.70 7.37 -0.44
CA TRP B 123 -8.80 6.94 -1.29
C TRP B 123 -8.37 6.81 -2.75
N GLY B 124 -7.43 7.64 -3.20
CA GLY B 124 -6.87 7.47 -4.52
C GLY B 124 -5.93 6.29 -4.65
N LEU B 125 -5.40 5.78 -3.54
CA LEU B 125 -4.75 4.47 -3.56
C LEU B 125 -5.75 3.33 -3.60
N CYS B 126 -6.88 3.47 -2.89
CA CYS B 126 -7.92 2.46 -2.95
C CYS B 126 -8.50 2.34 -4.36
N ILE B 127 -8.67 3.47 -5.05
CA ILE B 127 -9.19 3.41 -6.41
C ILE B 127 -8.19 2.72 -7.33
N ILE B 128 -6.88 2.92 -7.10
CA ILE B 128 -5.87 2.18 -7.85
C ILE B 128 -5.99 0.68 -7.59
N SER B 129 -6.19 0.31 -6.32
CA SER B 129 -6.37 -1.09 -5.99
C SER B 129 -7.54 -1.68 -6.77
N ILE B 130 -8.66 -0.97 -6.80
CA ILE B 130 -9.83 -1.46 -7.53
C ILE B 130 -9.54 -1.56 -9.03
N ASP B 131 -8.86 -0.55 -9.59
CA ASP B 131 -8.53 -0.58 -11.00
C ASP B 131 -7.68 -1.79 -11.35
N ARG B 132 -6.65 -2.07 -10.54
CA ARG B 132 -5.79 -3.20 -10.83
C ARG B 132 -6.52 -4.52 -10.62
N TYR B 133 -7.41 -4.60 -9.63
CA TYR B 133 -8.19 -5.82 -9.46
C TYR B 133 -9.06 -6.08 -10.68
N ILE B 134 -9.69 -5.05 -11.22
CA ILE B 134 -10.49 -5.23 -12.43
C ILE B 134 -9.59 -5.63 -13.60
N GLY B 135 -8.44 -4.98 -13.73
CA GLY B 135 -7.55 -5.26 -14.85
C GLY B 135 -6.92 -6.63 -14.81
N VAL B 136 -6.85 -7.25 -13.64
CA VAL B 136 -6.31 -8.61 -13.48
C VAL B 136 -7.41 -9.65 -13.60
N SER B 137 -8.55 -9.44 -12.92
CA SER B 137 -9.61 -10.43 -12.96
C SER B 137 -10.23 -10.54 -14.34
N TYR B 138 -10.40 -9.42 -15.04
CA TYR B 138 -11.03 -9.38 -16.36
C TYR B 138 -10.10 -8.66 -17.31
N PRO B 139 -8.96 -9.26 -17.66
CA PRO B 139 -7.97 -8.56 -18.50
C PRO B 139 -8.41 -8.37 -19.94
N LEU B 140 -9.43 -9.09 -20.40
CA LEU B 140 -9.89 -8.99 -21.78
C LEU B 140 -11.01 -7.97 -21.96
N ARG B 141 -11.87 -7.81 -20.96
CA ARG B 141 -12.93 -6.81 -21.00
C ARG B 141 -12.52 -5.50 -20.34
N TYR B 142 -11.31 -5.41 -19.79
CA TYR B 142 -10.90 -4.21 -19.08
C TYR B 142 -11.01 -2.94 -19.92
N PRO B 143 -10.59 -2.93 -21.19
CA PRO B 143 -10.73 -1.70 -21.98
C PRO B 143 -12.16 -1.24 -22.16
N THR B 144 -13.14 -2.12 -22.06
CA THR B 144 -14.55 -1.75 -22.18
C THR B 144 -15.23 -1.58 -20.84
N ILE B 145 -14.54 -1.80 -19.73
CA ILE B 145 -15.10 -1.59 -18.40
C ILE B 145 -14.55 -0.29 -17.85
N VAL B 146 -13.23 -0.20 -17.71
CA VAL B 146 -12.59 1.02 -17.19
C VAL B 146 -12.26 1.87 -18.42
N THR B 147 -13.25 2.64 -18.86
CA THR B 147 -13.04 3.63 -19.90
C THR B 147 -12.55 4.93 -19.27
N GLN B 148 -12.04 5.83 -20.12
CA GLN B 148 -11.56 7.11 -19.60
C GLN B 148 -12.71 7.88 -18.94
N ARG B 149 -13.90 7.86 -19.54
CA ARG B 149 -15.03 8.52 -18.92
C ARG B 149 -15.26 7.98 -17.51
N ARG B 150 -15.32 6.66 -17.38
CA ARG B 150 -15.56 6.06 -16.06
C ARG B 150 -14.36 6.27 -15.13
N GLY B 151 -13.14 6.25 -15.66
CA GLY B 151 -11.99 6.49 -14.82
C GLY B 151 -11.98 7.89 -14.22
N LEU B 152 -12.24 8.90 -15.04
CA LEU B 152 -12.32 10.26 -14.52
C LEU B 152 -13.54 10.46 -13.63
N MET B 153 -14.64 9.78 -13.92
CA MET B 153 -15.78 9.82 -13.02
C MET B 153 -15.40 9.26 -11.66
N ALA B 154 -14.61 8.18 -11.65
CA ALA B 154 -14.14 7.61 -10.39
C ALA B 154 -13.22 8.58 -9.66
N LEU B 155 -12.34 9.26 -10.37
CA LEU B 155 -11.49 10.27 -9.73
C LEU B 155 -12.34 11.37 -9.08
N LEU B 156 -13.34 11.86 -9.81
CA LEU B 156 -14.19 12.92 -9.27
C LEU B 156 -14.96 12.42 -8.05
N CYS B 157 -15.47 11.19 -8.12
CA CYS B 157 -16.18 10.63 -6.96
C CYS B 157 -15.25 10.49 -5.77
N VAL B 158 -14.01 10.06 -6.00
CA VAL B 158 -13.04 9.96 -4.90
C VAL B 158 -12.79 11.31 -4.27
N TRP B 159 -12.60 12.35 -5.09
CA TRP B 159 -12.29 13.66 -4.52
C TRP B 159 -13.50 14.24 -3.78
N ALA B 160 -14.70 14.06 -4.34
CA ALA B 160 -15.90 14.51 -3.64
C ALA B 160 -16.09 13.78 -2.32
N LEU B 161 -15.87 12.46 -2.32
CA LEU B 161 -15.99 11.69 -1.10
C LEU B 161 -14.95 12.11 -0.07
N SER B 162 -13.73 12.41 -0.52
CA SER B 162 -12.70 12.90 0.38
C SER B 162 -13.12 14.23 1.00
N LEU B 163 -13.65 15.15 0.19
CA LEU B 163 -14.12 16.41 0.73
C LEU B 163 -15.20 16.19 1.78
N VAL B 164 -16.16 15.31 1.48
CA VAL B 164 -17.27 15.08 2.41
C VAL B 164 -16.75 14.46 3.71
N ILE B 165 -15.89 13.45 3.60
CA ILE B 165 -15.41 12.75 4.79
C ILE B 165 -14.51 13.64 5.64
N SER B 166 -13.72 14.50 5.00
CA SER B 166 -12.72 15.29 5.71
C SER B 166 -13.28 16.62 6.21
N ILE B 167 -13.76 17.46 5.30
CA ILE B 167 -14.22 18.78 5.69
C ILE B 167 -15.61 18.75 6.32
N GLY B 168 -16.37 17.67 6.11
CA GLY B 168 -17.68 17.55 6.67
C GLY B 168 -17.65 17.51 8.18
N PRO B 169 -16.99 16.48 8.74
CA PRO B 169 -16.95 16.35 10.21
C PRO B 169 -16.29 17.53 10.91
N LEU B 170 -15.40 18.25 10.24
CA LEU B 170 -14.76 19.40 10.87
C LEU B 170 -15.72 20.51 11.19
N PHE B 171 -16.92 20.50 10.62
CA PHE B 171 -17.95 21.48 10.95
C PHE B 171 -19.01 20.94 11.88
N GLY B 172 -19.39 19.67 11.72
CA GLY B 172 -20.40 19.07 12.58
C GLY B 172 -19.91 18.60 13.93
N TRP B 173 -18.60 18.62 14.16
CA TRP B 173 -18.03 18.22 15.43
C TRP B 173 -17.25 19.37 16.07
N ARG B 174 -17.82 20.56 16.11
CA ARG B 174 -17.20 21.68 16.84
C ARG B 174 -15.81 21.98 16.27
N GLN B 175 -15.81 22.58 15.06
CA GLN B 175 -14.60 23.04 14.39
C GLN B 175 -13.60 23.53 15.44
N PRO B 176 -12.30 23.20 15.30
CA PRO B 176 -11.40 23.18 16.47
C PRO B 176 -11.68 24.20 17.55
N ALA B 177 -11.70 23.72 18.79
CA ALA B 177 -12.18 24.50 19.92
C ALA B 177 -11.20 25.54 20.44
N PRO B 178 -9.87 25.33 20.44
CA PRO B 178 -9.00 26.16 21.29
C PRO B 178 -9.28 27.65 21.15
N GLU B 179 -8.94 28.39 22.21
CA GLU B 179 -9.24 29.81 22.30
C GLU B 179 -8.04 30.62 22.78
N ASP B 180 -6.85 30.31 22.27
CA ASP B 180 -5.64 30.98 22.72
C ASP B 180 -4.77 31.53 21.58
N GLU B 181 -5.10 31.23 20.33
CA GLU B 181 -4.45 31.82 19.16
C GLU B 181 -3.05 31.22 18.94
N THR B 182 -2.59 30.38 19.88
CA THR B 182 -1.36 29.62 19.70
C THR B 182 -1.59 28.13 19.65
N ILE B 183 -2.75 27.66 20.09
CA ILE B 183 -3.13 26.26 20.01
C ILE B 183 -3.78 25.99 18.67
N CYS B 184 -3.33 24.92 18.00
CA CYS B 184 -3.94 24.45 16.77
C CYS B 184 -4.25 22.97 16.99
N GLN B 185 -5.42 22.71 17.58
CA GLN B 185 -5.78 21.38 18.05
C GLN B 185 -7.07 20.95 17.37
N ILE B 186 -6.98 19.96 16.47
CA ILE B 186 -8.21 19.41 15.90
C ILE B 186 -9.02 18.76 17.02
N ASN B 187 -10.28 18.49 16.71
CA ASN B 187 -11.26 18.08 17.71
C ASN B 187 -10.68 17.11 18.73
N GLU B 188 -10.71 17.51 20.00
CA GLU B 188 -10.36 16.61 21.08
C GLU B 188 -11.45 15.58 21.34
N GLU B 189 -12.61 15.73 20.71
CA GLU B 189 -13.73 14.85 20.95
C GLU B 189 -13.36 13.42 20.55
N PRO B 190 -13.58 12.42 21.42
CA PRO B 190 -13.28 11.05 21.01
C PRO B 190 -14.09 10.59 19.80
N GLY B 191 -15.30 11.10 19.62
CA GLY B 191 -16.10 10.68 18.48
C GLY B 191 -15.46 11.08 17.16
N TYR B 192 -14.91 12.29 17.08
CA TYR B 192 -14.34 12.77 15.84
C TYR B 192 -13.13 11.93 15.43
N VAL B 193 -12.25 11.62 16.39
CA VAL B 193 -11.06 10.83 16.06
C VAL B 193 -11.46 9.43 15.62
N LEU B 194 -12.52 8.86 16.21
CA LEU B 194 -13.00 7.56 15.76
C LEU B 194 -13.48 7.63 14.32
N PHE B 195 -14.28 8.65 13.99
CA PHE B 195 -14.80 8.77 12.64
C PHE B 195 -13.68 9.03 11.63
N SER B 196 -12.76 9.93 11.97
CA SER B 196 -11.68 10.25 11.04
C SER B 196 -10.75 9.06 10.86
N ALA B 197 -10.36 8.42 11.95
CA ALA B 197 -9.49 7.25 11.85
C ALA B 197 -10.16 6.16 11.03
N LEU B 198 -11.42 5.90 11.32
CA LEU B 198 -12.17 4.87 10.61
C LEU B 198 -12.37 5.25 9.15
N GLY B 199 -12.90 6.44 8.90
CA GLY B 199 -13.17 6.90 7.55
C GLY B 199 -11.93 7.13 6.72
N SER B 200 -10.88 7.65 7.34
CA SER B 200 -9.69 8.05 6.59
C SER B 200 -8.62 6.98 6.53
N PHE B 201 -8.59 6.01 7.44
CA PHE B 201 -7.59 4.95 7.38
C PHE B 201 -8.19 3.56 7.29
N TYR B 202 -9.11 3.21 8.19
CA TYR B 202 -9.49 1.82 8.36
C TYR B 202 -10.56 1.35 7.38
N LEU B 203 -11.33 2.25 6.78
CA LEU B 203 -12.27 1.82 5.74
C LEU B 203 -11.54 1.64 4.43
N PRO B 204 -10.74 2.61 3.97
CA PRO B 204 -9.99 2.39 2.72
C PRO B 204 -8.96 1.29 2.81
N LEU B 205 -8.37 1.05 3.98
CA LEU B 205 -7.37 -0.01 4.12
C LEU B 205 -7.99 -1.37 3.87
N ALA B 206 -9.23 -1.57 4.35
CA ALA B 206 -9.90 -2.84 4.13
C ALA B 206 -10.10 -3.10 2.65
N ILE B 207 -10.48 -2.06 1.89
CA ILE B 207 -10.70 -2.22 0.45
C ILE B 207 -9.37 -2.48 -0.25
N ILE B 208 -8.33 -1.74 0.14
CA ILE B 208 -7.03 -1.92 -0.50
C ILE B 208 -6.50 -3.33 -0.25
N LEU B 209 -6.58 -3.79 1.01
CA LEU B 209 -6.06 -5.10 1.34
C LEU B 209 -6.87 -6.21 0.69
N VAL B 210 -8.20 -6.08 0.71
CA VAL B 210 -9.05 -7.10 0.09
C VAL B 210 -8.79 -7.17 -1.41
N MET B 211 -8.74 -6.01 -2.06
CA MET B 211 -8.56 -5.99 -3.51
C MET B 211 -7.19 -6.51 -3.90
N TYR B 212 -6.15 -6.18 -3.13
CA TYR B 212 -4.81 -6.64 -3.48
C TYR B 212 -4.64 -8.13 -3.21
N CYS B 213 -5.32 -8.66 -2.19
CA CYS B 213 -5.27 -10.10 -1.95
C CYS B 213 -5.87 -10.87 -3.11
N ARG B 214 -6.99 -10.38 -3.65
CA ARG B 214 -7.60 -11.03 -4.81
C ARG B 214 -6.68 -10.97 -6.02
N VAL B 215 -5.97 -9.85 -6.20
CA VAL B 215 -4.99 -9.74 -7.26
C VAL B 215 -3.89 -10.78 -7.02
N TYR B 216 -3.45 -10.90 -5.77
CA TYR B 216 -2.43 -11.88 -5.43
C TYR B 216 -2.91 -13.30 -5.71
N VAL B 217 -4.13 -13.63 -5.26
CA VAL B 217 -4.65 -14.98 -5.45
C VAL B 217 -4.82 -15.28 -6.93
N VAL B 218 -5.36 -14.35 -7.71
CA VAL B 218 -5.57 -14.58 -9.13
C VAL B 218 -4.24 -14.80 -9.84
N ALA B 219 -3.25 -13.95 -9.54
CA ALA B 219 -1.95 -14.07 -10.20
C ALA B 219 -1.22 -15.35 -9.83
N LYS B 220 -1.62 -16.02 -8.75
CA LYS B 220 -1.00 -17.26 -8.32
C LYS B 220 -1.60 -18.49 -8.98
N ARG B 221 -2.73 -18.35 -9.68
CA ARG B 221 -3.41 -19.48 -10.30
C ARG B 221 -3.39 -19.44 -11.82
N VAL B 222 -3.26 -18.28 -12.43
CA VAL B 222 -3.38 -18.13 -13.88
C VAL B 222 -2.01 -18.24 -14.51
N ARG B 223 -1.92 -19.08 -15.54
CA ARG B 223 -0.67 -19.28 -16.28
C ARG B 223 -0.30 -18.03 -17.08
N LEU B 224 -1.21 -17.58 -17.95
CA LEU B 224 -1.07 -16.33 -18.67
C LEU B 224 -2.31 -15.50 -18.40
N LEU B 225 -2.11 -14.25 -17.97
CA LEU B 225 -3.24 -13.45 -17.53
C LEU B 225 -4.17 -13.10 -18.68
N SER B 226 -3.62 -12.62 -19.80
CA SER B 226 -4.41 -12.20 -20.94
C SER B 226 -3.99 -12.93 -22.21
N GLY B 227 -3.55 -14.18 -22.07
CA GLY B 227 -3.26 -15.00 -23.22
C GLY B 227 -1.97 -14.68 -23.94
N SER B 228 -1.37 -13.53 -23.64
CA SER B 228 -0.13 -13.10 -24.25
C SER B 228 0.93 -12.92 -23.17
N ARG B 229 2.18 -13.23 -23.53
CA ARG B 229 3.28 -13.14 -22.59
C ARG B 229 3.69 -11.70 -22.30
N GLU B 230 3.71 -10.83 -23.32
CA GLU B 230 4.03 -9.43 -23.08
C GLU B 230 3.00 -8.79 -22.16
N LYS B 231 1.71 -8.99 -22.45
CA LYS B 231 0.67 -8.43 -21.61
C LYS B 231 0.71 -9.01 -20.20
N ASP B 232 0.94 -10.32 -20.08
CA ASP B 232 1.01 -10.94 -18.77
C ASP B 232 2.17 -10.36 -17.96
N ARG B 233 3.32 -10.18 -18.59
CA ARG B 233 4.46 -9.58 -17.92
C ARG B 233 4.16 -8.15 -17.48
N ASN B 234 3.57 -7.34 -18.37
CA ASN B 234 3.28 -5.95 -18.08
C ASN B 234 2.16 -5.79 -17.06
N LEU B 235 1.34 -6.82 -16.86
CA LEU B 235 0.35 -6.82 -15.80
C LEU B 235 0.88 -7.32 -14.48
N ARG B 236 1.81 -8.29 -14.47
CA ARG B 236 2.42 -8.77 -13.26
C ARG B 236 3.45 -7.80 -12.69
N LYS B 237 4.05 -6.96 -13.53
CA LYS B 237 4.97 -5.94 -13.05
C LYS B 237 4.22 -4.81 -12.33
N ALA B 238 3.11 -4.37 -12.92
CA ALA B 238 2.31 -3.32 -12.29
C ALA B 238 1.76 -3.80 -10.95
N ALA B 239 1.34 -5.06 -10.88
CA ALA B 239 0.87 -5.60 -9.60
C ALA B 239 1.97 -5.60 -8.55
N LYS B 240 3.21 -5.91 -8.95
CA LYS B 240 4.33 -5.85 -8.02
C LYS B 240 4.54 -4.44 -7.51
N THR B 241 4.49 -3.46 -8.41
CA THR B 241 4.67 -2.08 -8.00
C THR B 241 3.56 -1.64 -7.05
N LEU B 242 2.32 -2.03 -7.34
CA LEU B 242 1.21 -1.74 -6.44
C LEU B 242 1.41 -2.39 -5.09
N GLY B 243 1.89 -3.63 -5.05
CA GLY B 243 2.15 -4.26 -3.78
C GLY B 243 3.20 -3.53 -2.97
N ILE B 244 4.26 -3.07 -3.62
CA ILE B 244 5.28 -2.30 -2.93
C ILE B 244 4.69 -1.01 -2.37
N VAL B 245 3.90 -0.31 -3.19
CA VAL B 245 3.30 0.95 -2.75
C VAL B 245 2.40 0.72 -1.54
N VAL B 246 1.54 -0.30 -1.62
CA VAL B 246 0.63 -0.60 -0.52
C VAL B 246 1.38 -1.02 0.74
N GLY B 247 2.41 -1.85 0.61
CA GLY B 247 3.18 -2.27 1.76
C GLY B 247 3.86 -1.10 2.44
N CYS B 248 4.49 -0.23 1.67
CA CYS B 248 5.14 0.93 2.27
C CYS B 248 4.12 1.86 2.91
N PHE B 249 2.97 2.05 2.27
CA PHE B 249 1.94 2.91 2.86
C PHE B 249 1.48 2.35 4.20
N VAL B 250 1.16 1.06 4.25
CA VAL B 250 0.71 0.46 5.50
C VAL B 250 1.79 0.56 6.55
N LEU B 251 3.03 0.24 6.17
CA LEU B 251 4.13 0.26 7.13
C LEU B 251 4.31 1.64 7.73
N CYS B 252 4.23 2.69 6.90
CA CYS B 252 4.44 4.03 7.38
C CYS B 252 3.28 4.54 8.22
N TRP B 253 2.04 4.25 7.80
CA TRP B 253 0.89 4.89 8.40
C TRP B 253 0.17 4.05 9.45
N LEU B 254 0.59 2.82 9.70
CA LEU B 254 -0.15 2.01 10.65
C LEU B 254 0.22 2.32 12.09
N PRO B 255 1.50 2.53 12.43
CA PRO B 255 1.82 2.87 13.83
C PRO B 255 1.09 4.11 14.33
N PHE B 256 0.98 5.15 13.50
CA PHE B 256 0.31 6.37 13.93
C PHE B 256 -1.16 6.12 14.22
N PHE B 257 -1.84 5.37 13.36
CA PHE B 257 -3.26 5.11 13.53
C PHE B 257 -3.53 3.98 14.51
N LEU B 258 -2.49 3.32 15.01
CA LEU B 258 -2.63 2.46 16.18
C LEU B 258 -2.41 3.22 17.48
N VAL B 259 -1.52 4.21 17.45
CA VAL B 259 -1.14 4.90 18.68
C VAL B 259 -2.01 6.11 19.00
N MET B 260 -2.58 6.77 18.00
CA MET B 260 -3.40 7.94 18.28
C MET B 260 -4.79 7.55 18.79
N PRO B 261 -5.53 6.70 18.06
CA PRO B 261 -6.87 6.34 18.56
C PRO B 261 -6.85 5.71 19.94
N ILE B 262 -5.86 4.88 20.25
CA ILE B 262 -5.82 4.30 21.59
C ILE B 262 -5.58 5.38 22.62
N GLY B 263 -4.75 6.37 22.29
CA GLY B 263 -4.55 7.48 23.21
C GLY B 263 -5.85 8.24 23.46
N SER B 264 -6.65 8.43 22.42
CA SER B 264 -7.90 9.17 22.59
C SER B 264 -9.03 8.29 23.15
N PHE B 265 -8.84 6.98 23.21
CA PHE B 265 -9.87 6.07 23.72
C PHE B 265 -9.64 5.75 25.20
N PHE B 266 -8.41 5.37 25.56
CA PHE B 266 -8.05 5.20 26.95
C PHE B 266 -7.17 6.37 27.36
N PRO B 267 -7.67 7.31 28.18
CA PRO B 267 -6.87 8.51 28.46
C PRO B 267 -5.56 8.20 29.16
N ASP B 268 -5.51 7.16 29.99
CA ASP B 268 -4.31 6.85 30.76
C ASP B 268 -3.25 6.12 29.94
N PHE B 269 -3.61 5.58 28.77
CA PHE B 269 -2.64 4.86 27.96
C PHE B 269 -1.92 5.84 27.03
N LYS B 270 -1.37 6.91 27.58
CA LYS B 270 -0.62 7.86 26.79
C LYS B 270 0.83 7.39 26.66
N PRO B 271 1.33 7.15 25.45
CA PRO B 271 2.72 6.70 25.31
C PRO B 271 3.69 7.85 25.48
N SER B 272 4.97 7.51 25.54
CA SER B 272 6.00 8.53 25.58
C SER B 272 5.93 9.41 24.35
N GLU B 273 6.18 10.70 24.54
CA GLU B 273 6.10 11.63 23.42
C GLU B 273 7.17 11.36 22.37
N THR B 274 8.33 10.83 22.78
CA THR B 274 9.39 10.58 21.82
C THR B 274 8.97 9.58 20.76
N VAL B 275 8.34 8.49 21.15
CA VAL B 275 7.86 7.52 20.16
C VAL B 275 6.67 8.09 19.39
N PHE B 276 5.84 8.89 20.05
CA PHE B 276 4.63 9.38 19.40
C PHE B 276 4.95 10.50 18.43
N LYS B 277 6.12 11.13 18.56
CA LYS B 277 6.62 12.03 17.53
C LYS B 277 7.20 11.27 16.34
N ILE B 278 7.83 10.13 16.59
CA ILE B 278 8.43 9.34 15.51
C ILE B 278 7.34 8.78 14.59
N VAL B 279 6.27 8.25 15.17
CA VAL B 279 5.20 7.68 14.37
C VAL B 279 4.52 8.76 13.52
N PHE B 280 4.39 9.97 14.06
CA PHE B 280 3.78 11.06 13.29
C PHE B 280 4.57 11.35 12.03
N TRP B 281 5.88 11.58 12.17
CA TRP B 281 6.70 11.92 11.01
C TRP B 281 6.95 10.71 10.13
N LEU B 282 6.95 9.51 10.71
CA LEU B 282 7.04 8.30 9.90
C LEU B 282 5.87 8.21 8.93
N GLY B 283 4.67 8.53 9.40
CA GLY B 283 3.51 8.50 8.52
C GLY B 283 3.61 9.48 7.38
N TYR B 284 4.06 10.71 7.66
CA TYR B 284 4.17 11.74 6.63
C TYR B 284 5.40 11.56 5.75
N LEU B 285 6.33 10.69 6.12
CA LEU B 285 7.46 10.39 5.26
C LEU B 285 7.04 9.64 4.00
N ASN B 286 5.85 9.04 3.99
CA ASN B 286 5.40 8.28 2.83
C ASN B 286 5.26 9.19 1.61
N SER B 287 4.77 10.41 1.81
CA SER B 287 4.61 11.35 0.71
C SER B 287 5.93 11.65 0.03
N CYS B 288 7.05 11.43 0.70
CA CYS B 288 8.37 11.59 0.11
C CYS B 288 8.94 10.29 -0.40
N ILE B 289 8.63 9.16 0.24
CA ILE B 289 9.17 7.87 -0.19
C ILE B 289 8.53 7.42 -1.51
N ASN B 290 7.23 7.62 -1.68
CA ASN B 290 6.53 7.02 -2.82
C ASN B 290 7.19 7.31 -4.17
N PRO B 291 7.59 8.54 -4.49
CA PRO B 291 8.28 8.78 -5.75
C PRO B 291 9.59 8.01 -5.88
N ILE B 292 10.16 7.54 -4.78
CA ILE B 292 11.28 6.60 -4.85
C ILE B 292 10.80 5.21 -5.24
N ILE B 293 9.64 4.79 -4.71
CA ILE B 293 9.11 3.48 -5.04
C ILE B 293 8.85 3.37 -6.53
N TYR B 294 8.26 4.41 -7.13
CA TYR B 294 7.81 4.27 -8.52
C TYR B 294 8.93 3.93 -9.49
N PRO B 295 10.05 4.65 -9.52
CA PRO B 295 11.09 4.34 -10.52
C PRO B 295 11.96 3.15 -10.16
N CYS B 296 12.17 2.87 -8.88
CA CYS B 296 13.00 1.76 -8.45
C CYS B 296 12.31 0.42 -8.63
N SER B 297 11.05 0.40 -9.05
CA SER B 297 10.33 -0.83 -9.32
C SER B 297 9.99 -1.02 -10.80
N SER B 298 9.65 0.06 -11.51
CA SER B 298 9.36 -0.01 -12.93
C SER B 298 10.57 0.45 -13.73
N GLN B 299 10.60 0.03 -15.01
CA GLN B 299 11.66 0.41 -15.92
C GLN B 299 11.28 1.57 -16.83
N GLU B 300 10.00 1.73 -17.16
CA GLU B 300 9.56 2.87 -17.95
C GLU B 300 9.50 4.15 -17.12
N PHE B 301 9.09 4.05 -15.85
CA PHE B 301 9.13 5.21 -14.98
C PHE B 301 10.55 5.73 -14.79
N LYS B 302 11.52 4.84 -14.66
CA LYS B 302 12.91 5.29 -14.54
C LYS B 302 13.34 6.05 -15.79
N LYS B 303 13.02 5.52 -16.97
CA LYS B 303 13.40 6.20 -18.21
C LYS B 303 12.73 7.57 -18.31
N ALA B 304 11.45 7.65 -17.93
CA ALA B 304 10.77 8.94 -17.96
C ALA B 304 11.39 9.91 -16.96
N PHE B 305 11.78 9.41 -15.78
CA PHE B 305 12.45 10.26 -14.81
C PHE B 305 13.74 10.83 -15.38
N GLN B 306 14.53 9.99 -16.05
CA GLN B 306 15.76 10.50 -16.66
C GLN B 306 15.44 11.53 -17.74
N ASN B 307 14.50 11.21 -18.63
CA ASN B 307 14.17 12.14 -19.72
C ASN B 307 13.64 13.48 -19.19
N VAL B 308 13.01 13.49 -18.02
CA VAL B 308 12.52 14.74 -17.46
C VAL B 308 13.64 15.48 -16.73
N LEU B 309 14.48 14.77 -15.97
CA LEU B 309 15.56 15.42 -15.24
C LEU B 309 16.58 16.03 -16.18
N ARG B 310 16.89 15.36 -17.30
CA ARG B 310 17.91 15.87 -18.21
C ARG B 310 17.51 17.24 -18.76
N ILE B 311 16.25 17.41 -19.12
CA ILE B 311 15.77 18.69 -19.63
C ILE B 311 15.83 19.75 -18.54
N GLN C 3 18.70 -20.48 -12.58
CA GLN C 3 18.52 -21.15 -13.86
C GLN C 3 17.94 -22.55 -13.64
N VAL C 4 16.66 -22.71 -13.93
CA VAL C 4 16.00 -24.00 -13.75
C VAL C 4 16.62 -25.02 -14.70
N GLN C 5 16.75 -26.26 -14.24
CA GLN C 5 17.39 -27.32 -14.99
C GLN C 5 16.47 -28.53 -15.10
N LEU C 6 16.30 -29.02 -16.32
CA LEU C 6 15.56 -30.25 -16.56
C LEU C 6 16.40 -31.13 -17.48
N GLN C 7 16.59 -32.39 -17.09
CA GLN C 7 17.46 -33.31 -17.81
C GLN C 7 16.76 -34.63 -18.03
N GLU C 8 17.16 -35.31 -19.11
CA GLU C 8 16.58 -36.60 -19.47
C GLU C 8 17.03 -37.69 -18.51
N SER C 9 16.32 -38.81 -18.57
CA SER C 9 16.64 -39.96 -17.73
C SER C 9 15.94 -41.18 -18.31
N GLY C 10 16.37 -42.36 -17.84
CA GLY C 10 15.76 -43.60 -18.26
C GLY C 10 16.20 -44.12 -19.62
N GLY C 11 17.26 -43.57 -20.19
CA GLY C 11 17.73 -44.01 -21.48
C GLY C 11 18.41 -45.37 -21.41
N GLY C 12 18.64 -45.95 -22.58
CA GLY C 12 19.29 -47.24 -22.66
C GLY C 12 19.13 -47.84 -24.06
N LEU C 13 19.30 -49.16 -24.12
CA LEU C 13 19.21 -49.91 -25.36
C LEU C 13 18.21 -51.04 -25.20
N VAL C 14 17.37 -51.23 -26.20
CA VAL C 14 16.40 -52.32 -26.19
C VAL C 14 15.82 -52.51 -27.59
N GLN C 15 15.37 -53.74 -27.89
CA GLN C 15 14.75 -54.04 -29.15
C GLN C 15 13.23 -53.86 -29.04
N ALA C 16 12.55 -53.86 -30.18
CA ALA C 16 11.13 -53.59 -30.19
C ALA C 16 10.35 -54.62 -29.36
N GLY C 17 9.21 -54.18 -28.83
CA GLY C 17 8.38 -55.01 -28.00
C GLY C 17 8.47 -54.75 -26.50
N GLU C 18 9.48 -54.01 -26.07
CA GLU C 18 9.70 -53.74 -24.65
C GLU C 18 9.33 -52.29 -24.34
N SER C 19 9.24 -51.98 -23.04
CA SER C 19 8.81 -50.66 -22.58
C SER C 19 9.95 -49.97 -21.86
N LEU C 20 9.76 -48.66 -21.66
CA LEU C 20 10.71 -47.77 -21.01
C LEU C 20 9.95 -46.86 -20.05
N ARG C 21 10.69 -46.06 -19.28
CA ARG C 21 10.06 -45.04 -18.45
C ARG C 21 11.08 -43.91 -18.27
N LEU C 22 10.95 -42.87 -19.09
CA LEU C 22 11.82 -41.71 -18.98
C LEU C 22 11.37 -40.82 -17.82
N SER C 23 12.33 -40.14 -17.21
CA SER C 23 12.08 -39.25 -16.08
C SER C 23 12.67 -37.88 -16.36
N CYS C 24 12.05 -36.86 -15.79
CA CYS C 24 12.49 -35.48 -15.96
C CYS C 24 11.90 -34.64 -14.84
N ALA C 25 12.76 -33.99 -14.08
CA ALA C 25 12.35 -33.19 -12.92
C ALA C 25 13.03 -31.84 -12.98
N ALA C 26 12.38 -30.85 -12.37
CA ALA C 26 12.89 -29.49 -12.37
C ALA C 26 13.82 -29.26 -11.19
N SER C 27 14.95 -28.60 -11.46
CA SER C 27 15.92 -28.27 -10.42
C SER C 27 16.31 -26.81 -10.58
N GLY C 28 16.26 -26.06 -9.48
CA GLY C 28 16.60 -24.66 -9.45
C GLY C 28 15.54 -23.86 -8.75
N THR C 29 15.54 -22.56 -9.00
CA THR C 29 14.58 -21.64 -8.38
C THR C 29 13.31 -21.65 -9.22
N ILE C 30 12.26 -22.26 -8.68
CA ILE C 30 10.97 -22.35 -9.35
C ILE C 30 9.88 -21.91 -8.39
N PHE C 31 9.01 -21.02 -8.84
CA PHE C 31 7.81 -20.67 -8.08
C PHE C 31 6.70 -21.69 -8.31
N ARG C 32 6.54 -22.15 -9.54
CA ARG C 32 5.63 -23.25 -9.86
C ARG C 32 5.81 -23.58 -11.33
N LEU C 33 5.28 -24.75 -11.71
CA LEU C 33 5.38 -25.27 -13.07
C LEU C 33 3.98 -25.41 -13.64
N TYR C 34 3.83 -25.05 -14.92
CA TYR C 34 2.51 -24.93 -15.54
C TYR C 34 2.25 -26.03 -16.57
N ASP C 35 3.09 -26.13 -17.60
CA ASP C 35 2.91 -27.12 -18.65
C ASP C 35 4.22 -27.85 -18.85
N MET C 36 4.18 -29.18 -18.81
CA MET C 36 5.35 -30.01 -18.99
C MET C 36 5.06 -31.11 -19.99
N GLY C 37 6.08 -31.49 -20.75
CA GLY C 37 5.91 -32.48 -21.80
C GLY C 37 7.17 -32.79 -22.56
N TRP C 38 7.10 -33.79 -23.45
CA TRP C 38 8.22 -34.25 -24.23
C TRP C 38 8.01 -33.90 -25.70
N TYR C 39 9.11 -33.66 -26.42
CA TYR C 39 9.08 -33.31 -27.82
C TYR C 39 10.07 -34.17 -28.59
N ARG C 40 9.75 -34.41 -29.86
CA ARG C 40 10.58 -35.23 -30.73
C ARG C 40 11.02 -34.44 -31.96
N ARG C 47 10.90 -30.05 -31.24
CA ARG C 47 10.69 -30.11 -32.68
C ARG C 47 9.26 -30.57 -32.97
N GLU C 48 8.98 -31.85 -32.72
CA GLU C 48 7.64 -32.40 -32.85
C GLU C 48 7.06 -32.69 -31.48
N LEU C 49 5.73 -32.58 -31.39
CA LEU C 49 5.02 -32.84 -30.15
C LEU C 49 4.59 -34.30 -30.09
N VAL C 50 4.86 -34.94 -28.96
CA VAL C 50 4.49 -36.34 -28.75
C VAL C 50 3.60 -36.46 -27.51
N ALA C 51 3.74 -35.52 -26.58
CA ALA C 51 2.94 -35.56 -25.36
C ALA C 51 3.13 -34.24 -24.62
N SER C 52 2.22 -33.97 -23.68
CA SER C 52 2.27 -32.76 -22.88
C SER C 52 1.23 -32.86 -21.77
N ILE C 53 1.55 -32.30 -20.61
CA ILE C 53 0.65 -32.26 -19.47
C ILE C 53 0.60 -30.84 -18.93
N THR C 54 -0.60 -30.40 -18.57
CA THR C 54 -0.78 -29.12 -17.90
C THR C 54 -0.83 -29.32 -16.39
N SER C 55 -0.60 -28.24 -15.65
CA SER C 55 -0.59 -28.34 -14.19
C SER C 55 -1.91 -28.82 -13.63
N GLY C 56 -3.02 -28.66 -14.35
CA GLY C 56 -4.30 -29.14 -13.89
C GLY C 56 -4.44 -30.63 -14.01
N GLY C 57 -3.92 -31.21 -15.10
CA GLY C 57 -4.00 -32.63 -15.32
C GLY C 57 -4.47 -32.99 -16.72
N SER C 58 -4.68 -31.99 -17.56
CA SER C 58 -5.14 -32.22 -18.93
C SER C 58 -4.01 -32.83 -19.75
N THR C 59 -4.16 -34.11 -20.09
CA THR C 59 -3.15 -34.82 -20.87
C THR C 59 -3.42 -34.69 -22.35
N LYS C 60 -2.35 -34.56 -23.14
CA LYS C 60 -2.43 -34.45 -24.58
C LYS C 60 -1.34 -35.29 -25.22
N TYR C 61 -1.63 -35.81 -26.41
CA TYR C 61 -0.70 -36.64 -27.15
C TYR C 61 -0.71 -36.22 -28.62
N GLY C 62 0.32 -36.64 -29.35
CA GLY C 62 0.38 -36.37 -30.77
C GLY C 62 -0.48 -37.33 -31.58
N ASP C 63 -0.81 -36.91 -32.80
CA ASP C 63 -1.63 -37.74 -33.67
C ASP C 63 -0.94 -39.06 -34.01
N SER C 64 0.39 -39.05 -34.10
CA SER C 64 1.13 -40.27 -34.38
C SER C 64 1.04 -41.30 -33.26
N VAL C 65 0.58 -40.89 -32.08
CA VAL C 65 0.43 -41.79 -30.94
C VAL C 65 -1.01 -42.25 -30.90
N LYS C 66 -1.25 -43.52 -31.27
CA LYS C 66 -2.60 -44.09 -31.28
C LYS C 66 -2.90 -44.69 -29.90
N GLY C 67 -2.82 -43.81 -28.89
CA GLY C 67 -2.92 -44.28 -27.53
C GLY C 67 -1.75 -45.13 -27.11
N ARG C 68 -0.65 -45.08 -27.87
CA ARG C 68 0.49 -45.93 -27.60
C ARG C 68 1.14 -45.57 -26.27
N PHE C 69 1.22 -44.28 -25.96
CA PHE C 69 2.01 -43.77 -24.86
C PHE C 69 1.09 -43.32 -23.73
N THR C 70 1.67 -43.19 -22.53
CA THR C 70 0.95 -42.67 -21.37
C THR C 70 1.89 -41.74 -20.61
N ILE C 71 1.67 -40.44 -20.75
CA ILE C 71 2.46 -39.43 -20.05
C ILE C 71 1.82 -39.14 -18.71
N SER C 72 2.61 -39.18 -17.64
CA SER C 72 2.13 -38.98 -16.29
C SER C 72 2.93 -37.89 -15.61
N ARG C 73 2.27 -37.18 -14.69
CA ARG C 73 2.89 -36.04 -14.01
C ARG C 73 2.51 -36.09 -12.54
N ASP C 74 3.46 -35.81 -11.67
CA ASP C 74 3.23 -35.73 -10.24
C ASP C 74 3.31 -34.28 -9.78
N ASN C 75 2.21 -33.78 -9.22
CA ASN C 75 2.17 -32.38 -8.79
C ASN C 75 3.02 -32.13 -7.55
N ALA C 76 3.45 -33.18 -6.86
CA ALA C 76 4.14 -33.01 -5.58
C ALA C 76 5.60 -32.62 -5.76
N LYS C 77 6.37 -33.47 -6.45
CA LYS C 77 7.82 -33.34 -6.51
C LYS C 77 8.31 -32.85 -7.87
N ASN C 78 7.46 -32.12 -8.60
CA ASN C 78 7.88 -31.45 -9.83
C ASN C 78 8.59 -32.40 -10.78
N THR C 79 7.95 -33.53 -11.06
CA THR C 79 8.51 -34.57 -11.91
C THR C 79 7.48 -35.01 -12.95
N VAL C 80 7.97 -35.41 -14.11
CA VAL C 80 7.14 -35.96 -15.18
C VAL C 80 7.74 -37.29 -15.61
N TYR C 81 6.87 -38.17 -16.10
CA TYR C 81 7.28 -39.46 -16.62
C TYR C 81 6.56 -39.73 -17.93
N LEU C 82 7.09 -40.69 -18.68
CA LEU C 82 6.47 -41.10 -19.95
C LEU C 82 6.72 -42.59 -20.10
N GLN C 83 5.65 -43.37 -20.03
CA GLN C 83 5.75 -44.82 -20.13
C GLN C 83 5.67 -45.22 -21.59
N MET C 84 6.67 -45.94 -22.07
CA MET C 84 6.69 -46.36 -23.46
C MET C 84 5.88 -47.65 -23.62
N SER C 85 5.48 -47.93 -24.86
CA SER C 85 4.80 -49.18 -25.18
C SER C 85 4.85 -49.47 -26.67
N SER C 86 5.28 -50.68 -27.04
CA SER C 86 5.33 -51.13 -28.43
C SER C 86 6.22 -50.23 -29.28
N LEU C 87 7.52 -50.36 -29.04
CA LEU C 87 8.51 -49.70 -29.90
C LEU C 87 8.23 -49.98 -31.36
N LYS C 88 8.53 -49.00 -32.19
CA LYS C 88 8.43 -49.12 -33.64
C LYS C 88 9.79 -48.90 -34.28
N PRO C 89 10.06 -49.51 -35.43
CA PRO C 89 11.39 -49.36 -36.04
C PRO C 89 11.72 -47.93 -36.42
N GLU C 90 10.74 -47.05 -36.58
CA GLU C 90 10.98 -45.69 -37.06
C GLU C 90 10.23 -44.68 -36.20
N ASP C 91 10.38 -44.78 -34.88
CA ASP C 91 9.75 -43.85 -33.95
C ASP C 91 10.72 -43.33 -32.89
N THR C 92 12.03 -43.41 -33.14
CA THR C 92 13.04 -43.01 -32.16
C THR C 92 14.10 -42.17 -32.87
N ALA C 93 13.97 -40.83 -32.78
CA ALA C 93 14.98 -39.92 -33.29
C ALA C 93 15.62 -39.11 -32.16
N VAL C 94 14.82 -38.42 -31.36
CA VAL C 94 15.31 -37.66 -30.22
C VAL C 94 14.13 -37.32 -29.32
N TYR C 95 14.34 -37.31 -28.01
CA TYR C 95 13.28 -37.06 -27.04
C TYR C 95 13.72 -35.95 -26.10
N TYR C 96 13.07 -34.80 -26.20
CA TYR C 96 13.36 -33.65 -25.36
C TYR C 96 12.41 -33.61 -24.17
N CYS C 97 12.72 -32.72 -23.23
CA CYS C 97 11.88 -32.47 -22.06
C CYS C 97 11.59 -30.98 -22.00
N ASN C 98 10.33 -30.60 -22.25
CA ASN C 98 9.93 -29.21 -22.33
C ASN C 98 9.03 -28.87 -21.15
N ALA C 99 9.36 -27.78 -20.45
CA ALA C 99 8.59 -27.31 -19.32
C ALA C 99 8.52 -25.78 -19.36
N GLU C 100 7.40 -25.24 -18.87
CA GLU C 100 7.25 -23.81 -18.66
C GLU C 100 7.27 -23.56 -17.16
N TYR C 101 8.16 -22.68 -16.73
CA TYR C 101 8.41 -22.42 -15.32
C TYR C 101 8.29 -20.93 -15.04
N ARG C 102 7.94 -20.61 -13.79
CA ARG C 102 7.96 -19.25 -13.28
C ARG C 102 8.79 -19.22 -12.02
N THR C 103 9.73 -18.29 -11.94
CA THR C 103 10.60 -18.16 -10.77
C THR C 103 9.99 -17.29 -9.68
N GLY C 104 8.86 -16.64 -9.96
CA GLY C 104 8.20 -15.81 -8.97
C GLY C 104 6.81 -15.41 -9.42
N ILE C 105 5.97 -14.98 -8.48
CA ILE C 105 4.59 -14.66 -8.82
C ILE C 105 4.52 -13.46 -9.76
N TRP C 106 5.45 -12.51 -9.63
CA TRP C 106 5.46 -11.30 -10.43
C TRP C 106 6.53 -11.33 -11.51
N GLU C 107 6.75 -12.46 -12.17
CA GLU C 107 7.73 -12.55 -13.24
C GLU C 107 7.13 -13.29 -14.45
N GLU C 108 7.72 -13.04 -15.61
CA GLU C 108 7.21 -13.58 -16.85
C GLU C 108 7.34 -15.11 -16.88
N LEU C 109 6.43 -15.73 -17.65
CA LEU C 109 6.49 -17.17 -17.87
C LEU C 109 7.60 -17.50 -18.86
N LEU C 110 8.40 -18.50 -18.53
CA LEU C 110 9.48 -18.93 -19.40
C LEU C 110 9.37 -20.43 -19.68
N ASP C 111 10.38 -20.99 -20.35
CA ASP C 111 10.38 -22.42 -20.65
C ASP C 111 11.81 -22.87 -20.90
N GLY C 112 12.01 -24.18 -20.81
CA GLY C 112 13.33 -24.76 -21.02
C GLY C 112 13.21 -26.12 -21.67
N TRP C 113 14.31 -26.54 -22.29
CA TRP C 113 14.40 -27.82 -22.99
C TRP C 113 15.34 -28.76 -22.23
N GLY C 114 15.56 -29.94 -22.81
CA GLY C 114 16.46 -30.92 -22.22
C GLY C 114 17.59 -31.27 -23.15
N GLN C 115 18.37 -32.31 -22.80
CA GLN C 115 19.49 -32.73 -23.62
C GLN C 115 19.04 -33.59 -24.79
N GLY C 116 18.41 -34.73 -24.50
CA GLY C 116 17.93 -35.64 -25.52
C GLY C 116 18.30 -37.07 -25.23
N THR C 117 17.53 -38.00 -25.80
CA THR C 117 17.78 -39.43 -25.64
C THR C 117 17.44 -40.14 -26.94
N GLN C 118 18.03 -41.33 -27.10
CA GLN C 118 17.82 -42.13 -28.30
C GLN C 118 17.99 -43.60 -27.94
N VAL C 119 17.43 -44.46 -28.78
CA VAL C 119 17.49 -45.90 -28.55
C VAL C 119 17.73 -46.61 -29.88
#